data_4LRR
#
_entry.id   4LRR
#
_cell.length_a   131.184
_cell.length_b   131.184
_cell.length_c   131.184
_cell.angle_alpha   90.00
_cell.angle_beta   90.00
_cell.angle_gamma   90.00
#
_symmetry.space_group_name_H-M   'I 21 3'
#
loop_
_entity.id
_entity.type
_entity.pdbx_description
1 polymer 'Thymidylate synthase'
2 non-polymer 'SULFATE ION'
3 non-polymer '2-oxo-2H-naphtho[1,8-bc]furan-6-yl 4-nitrobenzoate'
4 non-polymer "2'-DEOXYURIDINE 5'-MONOPHOSPHATE"
5 water water
#
_entity_poly.entity_id   1
_entity_poly.type   'polypeptide(L)'
_entity_poly.pdbx_seq_one_letter_code
;(ACE)MKQYLELMQKVLDEGTQKNDRTGTGTLSIFGHQMRFNLQDGFPLVTTKR(SCH)HLRSIIHELLWFLQGDTNIAY
LHENNVTIWDEWADENGDLGPVYGKQWRAWPTPDGRHIDQITTVLNQLKNDPDSRRIIVSAWNVGELDKMALAPCHAFFQ
FYVADGKLSCQLYQRSCDVFLGLPFNIASYALLVHMMAQQCDLEVGDFVWTGGDTHLYSNHMDQTHLQLSREPRPLPKLI
IKRKPESIFDYRFEDFEIEGYDPHPGIKAPVAI
;
_entity_poly.pdbx_strand_id   A
#
# COMPACT_ATOMS: atom_id res chain seq x y z
N MET A 2 -11.09 -11.25 1.17
CA MET A 2 -10.58 -11.85 2.37
C MET A 2 -11.59 -11.53 3.42
N LYS A 3 -11.93 -12.59 4.52
CA LYS A 3 -12.75 -12.28 5.71
C LYS A 3 -12.61 -10.82 6.20
N GLN A 4 -11.40 -10.37 6.53
CA GLN A 4 -11.25 -9.03 7.16
C GLN A 4 -11.79 -7.93 6.22
N TYR A 5 -11.50 -8.06 4.92
CA TYR A 5 -11.83 -7.06 3.91
C TYR A 5 -13.34 -6.99 3.67
N LEU A 6 -13.99 -8.15 3.57
CA LEU A 6 -15.45 -8.14 3.43
C LEU A 6 -16.15 -7.62 4.69
N GLU A 7 -15.60 -7.95 5.86
CA GLU A 7 -16.10 -7.42 7.12
C GLU A 7 -16.09 -5.89 7.16
N LEU A 8 -14.95 -5.31 6.79
CA LEU A 8 -14.85 -3.86 6.63
C LEU A 8 -15.93 -3.35 5.66
N MET A 9 -16.00 -3.96 4.49
CA MET A 9 -17.00 -3.60 3.48
C MET A 9 -18.42 -3.63 4.07
N GLN A 10 -18.80 -4.73 4.72
CA GLN A 10 -20.14 -4.81 5.35
C GLN A 10 -20.29 -3.74 6.42
N LYS A 11 -19.22 -3.51 7.18
CA LYS A 11 -19.25 -2.48 8.24
C LYS A 11 -19.57 -1.09 7.71
N VAL A 12 -18.96 -0.72 6.59
CA VAL A 12 -19.16 0.61 6.03
C VAL A 12 -20.62 0.72 5.51
N LEU A 13 -21.13 -0.34 4.86
CA LEU A 13 -22.54 -0.35 4.47
C LEU A 13 -23.43 -0.15 5.70
N ASP A 14 -23.18 -0.94 6.76
CA ASP A 14 -24.02 -0.89 7.95
C ASP A 14 -23.80 0.38 8.75
N GLU A 15 -22.57 0.88 8.82
CA GLU A 15 -22.34 1.97 9.74
C GLU A 15 -21.92 3.30 9.14
N GLY A 16 -21.60 3.31 7.84
CA GLY A 16 -21.14 4.53 7.19
C GLY A 16 -22.14 5.65 7.28
N THR A 17 -21.66 6.85 7.52
CA THR A 17 -22.47 8.03 7.43
C THR A 17 -22.26 8.59 6.01
N GLN A 18 -23.24 9.33 5.52
CA GLN A 18 -23.19 9.90 4.18
C GLN A 18 -22.23 11.06 4.14
N LYS A 19 -21.26 11.02 3.23
CA LYS A 19 -20.14 11.99 3.20
C LYS A 19 -19.58 12.24 1.80
N ASN A 20 -19.44 13.52 1.45
CA ASN A 20 -18.89 13.88 0.14
C ASN A 20 -17.38 13.92 0.12
N ASP A 21 -16.78 13.69 -1.06
CA ASP A 21 -15.39 14.06 -1.24
C ASP A 21 -15.18 15.50 -1.78
N ARG A 22 -13.93 15.86 -2.11
CA ARG A 22 -13.59 17.22 -2.63
C ARG A 22 -14.18 17.55 -4.01
N THR A 23 -14.29 16.55 -4.88
CA THR A 23 -15.08 16.62 -6.15
C THR A 23 -16.59 16.78 -5.88
N GLY A 24 -17.03 16.40 -4.67
CA GLY A 24 -18.43 16.40 -4.35
C GLY A 24 -19.11 15.05 -4.55
N THR A 25 -18.35 14.02 -4.93
CA THR A 25 -18.90 12.65 -5.06
C THR A 25 -19.27 12.07 -3.70
N GLY A 26 -20.52 11.62 -3.57
CA GLY A 26 -21.01 10.97 -2.34
C GLY A 26 -20.32 9.66 -1.92
N THR A 27 -20.12 9.52 -0.61
CA THR A 27 -19.62 8.27 -0.06
C THR A 27 -20.43 7.89 1.18
N LEU A 28 -20.29 6.63 1.57
CA LEU A 28 -20.58 6.17 2.94
C LEU A 28 -19.23 6.01 3.61
N SER A 29 -19.12 6.56 4.79
CA SER A 29 -17.83 6.76 5.43
C SER A 29 -17.85 6.42 6.94
N ILE A 30 -16.82 5.70 7.39
CA ILE A 30 -16.56 5.60 8.84
C ILE A 30 -15.21 6.17 9.14
N PHE A 31 -14.93 6.48 10.41
CA PHE A 31 -13.61 6.98 10.77
C PHE A 31 -12.95 6.09 11.82
N GLY A 32 -11.77 5.57 11.49
CA GLY A 32 -11.05 4.69 12.39
C GLY A 32 -11.43 3.22 12.23
N HIS A 33 -10.52 2.43 11.65
CA HIS A 33 -10.72 1.00 11.52
C HIS A 33 -9.35 0.35 11.51
N GLN A 34 -9.30 -0.93 11.83
CA GLN A 34 -8.05 -1.67 11.93
C GLN A 34 -8.26 -3.12 11.61
N MET A 35 -7.37 -3.66 10.77
CA MET A 35 -7.39 -5.05 10.33
C MET A 35 -5.99 -5.64 10.51
N ARG A 36 -5.89 -6.95 10.64
CA ARG A 36 -4.58 -7.59 10.82
C ARG A 36 -4.43 -8.77 9.87
N PHE A 37 -3.32 -8.83 9.16
CA PHE A 37 -3.11 -9.97 8.26
C PHE A 37 -1.88 -10.68 8.70
N ASN A 38 -2.07 -11.91 9.19
CA ASN A 38 -0.91 -12.74 9.52
C ASN A 38 -0.39 -13.23 8.18
N LEU A 39 0.78 -12.72 7.83
CA LEU A 39 1.38 -13.02 6.55
C LEU A 39 1.87 -14.48 6.44
N GLN A 40 1.92 -15.19 7.55
CA GLN A 40 2.33 -16.59 7.48
C GLN A 40 1.19 -17.47 6.99
N ASP A 41 -0.05 -16.99 7.18
CA ASP A 41 -1.26 -17.60 6.61
C ASP A 41 -1.33 -17.53 5.07
N GLY A 42 -0.54 -16.67 4.44
CA GLY A 42 -0.67 -16.50 3.00
C GLY A 42 -0.66 -15.03 2.62
N PHE A 43 -0.37 -14.75 1.35
CA PHE A 43 -0.27 -13.40 0.87
C PHE A 43 -1.67 -12.79 0.75
N PRO A 44 -1.90 -11.62 1.39
CA PRO A 44 -3.25 -11.11 1.46
C PRO A 44 -3.68 -10.32 0.21
N LEU A 45 -3.76 -10.99 -0.94
CA LEU A 45 -4.30 -10.44 -2.17
C LEU A 45 -5.78 -10.86 -2.29
N VAL A 46 -6.71 -9.90 -2.36
CA VAL A 46 -8.14 -10.28 -2.36
C VAL A 46 -8.50 -11.30 -3.47
N THR A 47 -9.34 -12.26 -3.09
CA THR A 47 -9.75 -13.34 -3.97
C THR A 47 -11.20 -13.16 -4.44
N THR A 48 -11.98 -12.31 -3.77
CA THR A 48 -13.37 -12.12 -4.16
C THR A 48 -13.56 -11.22 -5.38
N LYS A 49 -12.44 -10.77 -5.94
CA LYS A 49 -12.40 -10.21 -7.28
C LYS A 49 -10.96 -10.38 -7.74
N ARG A 50 -10.74 -10.47 -9.04
CA ARG A 50 -9.38 -10.64 -9.53
C ARG A 50 -8.58 -9.35 -9.39
N HIS A 52 -4.56 -7.81 -10.04
CA HIS A 52 -3.29 -8.12 -10.69
C HIS A 52 -2.15 -7.48 -9.92
N LEU A 53 -1.08 -8.22 -9.76
CA LEU A 53 0.05 -7.71 -9.03
C LEU A 53 0.95 -6.80 -9.87
N ARG A 54 0.79 -6.83 -11.19
CA ARG A 54 1.72 -6.16 -12.11
C ARG A 54 2.08 -4.72 -11.70
N SER A 55 1.08 -3.85 -11.66
CA SER A 55 1.25 -2.46 -11.29
C SER A 55 1.67 -2.22 -9.85
N ILE A 56 1.29 -3.12 -8.95
CA ILE A 56 1.65 -3.03 -7.53
C ILE A 56 3.17 -3.16 -7.37
N ILE A 57 3.72 -4.23 -7.94
CA ILE A 57 5.18 -4.45 -7.96
C ILE A 57 5.93 -3.27 -8.59
N HIS A 58 5.53 -2.86 -9.79
CA HIS A 58 6.25 -1.79 -10.48
C HIS A 58 6.22 -0.51 -9.64
N GLU A 59 5.05 -0.17 -9.11
CA GLU A 59 4.93 1.03 -8.28
C GLU A 59 5.82 0.99 -7.01
N LEU A 60 5.87 -0.16 -6.32
CA LEU A 60 6.73 -0.35 -5.14
C LEU A 60 8.20 -0.16 -5.49
N LEU A 61 8.62 -0.77 -6.60
CA LEU A 61 10.02 -0.67 -7.04
C LEU A 61 10.37 0.76 -7.34
N TRP A 62 9.42 1.46 -7.95
CA TRP A 62 9.55 2.86 -8.28
C TRP A 62 9.63 3.68 -7.01
N PHE A 63 8.75 3.41 -6.02
CA PHE A 63 8.83 4.08 -4.70
C PHE A 63 10.26 3.92 -4.13
N LEU A 64 10.74 2.69 -4.12
CA LEU A 64 12.00 2.33 -3.48
C LEU A 64 13.20 2.98 -4.14
N GLN A 65 13.05 3.35 -5.43
CA GLN A 65 14.11 4.08 -6.12
C GLN A 65 14.14 5.56 -5.81
N GLY A 66 13.09 6.09 -5.19
CA GLY A 66 13.06 7.52 -4.85
C GLY A 66 12.66 8.37 -6.03
N ASP A 67 12.31 7.70 -7.11
CA ASP A 67 11.85 8.31 -8.35
C ASP A 67 10.47 8.94 -8.20
N THR A 68 10.32 10.22 -8.55
CA THR A 68 8.97 10.82 -8.59
C THR A 68 8.47 11.18 -9.99
N ASN A 69 9.24 10.84 -11.01
CA ASN A 69 8.82 11.04 -12.38
C ASN A 69 8.22 9.75 -12.92
N ILE A 70 7.12 9.85 -13.66
CA ILE A 70 6.40 8.65 -14.11
C ILE A 70 7.13 7.85 -15.20
N ALA A 71 8.18 8.45 -15.78
CA ALA A 71 9.00 7.80 -16.82
C ALA A 71 9.22 6.30 -16.62
N TYR A 72 9.78 5.88 -15.47
CA TYR A 72 9.95 4.44 -15.23
C TYR A 72 8.62 3.68 -15.32
N LEU A 73 7.51 4.29 -14.88
CA LEU A 73 6.23 3.55 -15.00
C LEU A 73 5.80 3.46 -16.48
N HIS A 74 6.02 4.55 -17.25
CA HIS A 74 5.79 4.53 -18.70
C HIS A 74 6.59 3.47 -19.43
N GLU A 75 7.89 3.39 -19.17
CA GLU A 75 8.73 2.27 -19.63
C GLU A 75 8.06 0.90 -19.51
N ASN A 76 7.21 0.72 -18.50
CA ASN A 76 6.60 -0.58 -18.25
C ASN A 76 5.10 -0.53 -18.48
N ASN A 77 4.67 0.51 -19.18
CA ASN A 77 3.23 0.77 -19.43
C ASN A 77 2.34 0.62 -18.18
N VAL A 78 2.78 1.27 -17.10
CA VAL A 78 1.99 1.38 -15.87
C VAL A 78 1.47 2.80 -15.85
N THR A 79 0.16 2.96 -15.80
CA THR A 79 -0.45 4.27 -16.01
C THR A 79 -1.21 4.82 -14.81
N ILE A 80 -1.08 4.17 -13.66
CA ILE A 80 -1.91 4.53 -12.48
C ILE A 80 -1.62 5.91 -11.92
N TRP A 81 -0.46 6.47 -12.25
CA TRP A 81 -0.13 7.82 -11.77
C TRP A 81 -0.33 8.93 -12.80
N ASP A 82 -0.69 8.54 -14.03
CA ASP A 82 -0.90 9.48 -15.17
C ASP A 82 -1.87 10.60 -14.89
N GLU A 83 -2.96 10.30 -14.19
CA GLU A 83 -3.92 11.37 -13.90
C GLU A 83 -3.34 12.49 -13.04
N TRP A 84 -2.28 12.21 -12.27
CA TRP A 84 -1.70 13.27 -11.40
C TRP A 84 -0.50 13.98 -11.93
N ALA A 85 0.17 13.38 -12.91
CA ALA A 85 1.43 13.91 -13.45
C ALA A 85 1.24 15.15 -14.32
N ASP A 86 2.12 16.13 -14.16
CA ASP A 86 2.14 17.28 -15.06
C ASP A 86 2.67 16.88 -16.46
N GLU A 87 2.78 17.87 -17.34
CA GLU A 87 3.17 17.70 -18.73
C GLU A 87 4.55 17.02 -18.91
N ASN A 88 5.53 17.35 -18.08
CA ASN A 88 6.80 16.60 -18.10
C ASN A 88 6.75 15.25 -17.36
N GLY A 89 5.59 14.92 -16.76
CA GLY A 89 5.43 13.68 -16.01
C GLY A 89 5.88 13.76 -14.55
N ASP A 90 5.97 14.98 -14.04
CA ASP A 90 6.37 15.18 -12.64
C ASP A 90 5.17 15.15 -11.74
N LEU A 91 5.36 14.49 -10.61
CA LEU A 91 4.36 14.38 -9.56
C LEU A 91 4.65 15.26 -8.36
N GLY A 92 5.69 16.09 -8.43
CA GLY A 92 6.15 16.79 -7.23
C GLY A 92 6.75 15.79 -6.23
N PRO A 93 7.06 16.24 -5.02
CA PRO A 93 7.80 15.40 -4.04
C PRO A 93 6.94 14.36 -3.26
N VAL A 94 6.30 13.46 -4.00
CA VAL A 94 5.45 12.39 -3.42
C VAL A 94 6.26 11.24 -2.81
N TYR A 95 5.60 10.15 -2.49
CA TYR A 95 6.18 8.98 -1.79
C TYR A 95 7.69 8.72 -1.92
N GLY A 96 8.15 8.46 -3.15
CA GLY A 96 9.51 8.07 -3.39
C GLY A 96 10.49 9.07 -2.87
N LYS A 97 10.19 10.35 -3.05
CA LYS A 97 11.13 11.38 -2.63
C LYS A 97 11.23 11.46 -1.10
N GLN A 98 10.12 11.26 -0.40
CA GLN A 98 10.12 11.26 1.06
C GLN A 98 10.77 9.99 1.63
N TRP A 99 10.49 8.83 1.01
CA TRP A 99 11.00 7.58 1.50
C TRP A 99 12.52 7.63 1.42
N ARG A 100 13.05 8.16 0.32
CA ARG A 100 14.45 8.00 -0.03
C ARG A 100 15.24 9.28 0.13
N ALA A 101 14.56 10.41 0.29
CA ALA A 101 15.27 11.68 0.24
C ALA A 101 14.50 12.82 0.89
N TRP A 102 13.88 12.54 2.02
CA TRP A 102 13.17 13.57 2.79
C TRP A 102 14.06 14.79 3.01
N PRO A 103 13.62 15.98 2.54
CA PRO A 103 14.51 17.15 2.68
C PRO A 103 14.33 17.86 4.01
N THR A 104 15.44 18.34 4.55
CA THR A 104 15.53 18.96 5.87
C THR A 104 15.82 20.45 5.67
N PRO A 105 15.51 21.28 6.68
CA PRO A 105 15.84 22.70 6.62
C PRO A 105 17.35 22.95 6.35
N ASP A 106 18.23 22.09 6.88
CA ASP A 106 19.68 22.29 6.76
C ASP A 106 20.34 21.71 5.49
N GLY A 107 19.55 21.31 4.51
CA GLY A 107 20.08 20.93 3.19
C GLY A 107 20.33 19.46 2.98
N ARG A 108 20.09 18.63 4.00
CA ARG A 108 20.22 17.17 3.86
C ARG A 108 19.02 16.52 3.18
N HIS A 109 19.22 15.30 2.73
CA HIS A 109 18.17 14.47 2.17
C HIS A 109 18.21 13.14 2.90
N ILE A 110 17.12 12.81 3.61
CA ILE A 110 17.13 11.63 4.46
C ILE A 110 16.50 10.40 3.81
N ASP A 111 17.32 9.37 3.73
CA ASP A 111 16.94 8.08 3.21
C ASP A 111 16.27 7.28 4.33
N GLN A 112 14.94 7.34 4.42
CA GLN A 112 14.26 6.66 5.52
C GLN A 112 14.24 5.14 5.36
N ILE A 113 14.31 4.63 4.12
CA ILE A 113 14.34 3.18 3.90
C ILE A 113 15.63 2.56 4.44
N THR A 114 16.78 3.12 4.09
CA THR A 114 18.08 2.68 4.63
C THR A 114 18.10 2.81 6.16
N THR A 115 17.59 3.92 6.69
CA THR A 115 17.53 4.15 8.14
C THR A 115 16.84 3.00 8.82
N VAL A 116 15.72 2.57 8.26
CA VAL A 116 14.86 1.59 8.87
C VAL A 116 15.50 0.20 8.75
N LEU A 117 16.12 -0.08 7.60
CA LEU A 117 16.86 -1.33 7.43
C LEU A 117 18.02 -1.49 8.41
N ASN A 118 18.80 -0.44 8.56
CA ASN A 118 19.84 -0.41 9.57
C ASN A 118 19.27 -0.72 10.95
N GLN A 119 18.16 -0.06 11.29
CA GLN A 119 17.56 -0.21 12.61
C GLN A 119 17.05 -1.62 12.82
N LEU A 120 16.51 -2.24 11.77
CA LEU A 120 15.97 -3.56 11.91
C LEU A 120 17.10 -4.58 12.14
N LYS A 121 18.28 -4.29 11.61
CA LYS A 121 19.40 -5.21 11.69
C LYS A 121 20.15 -5.01 12.99
N ASN A 122 20.31 -3.77 13.41
CA ASN A 122 21.17 -3.45 14.53
C ASN A 122 20.41 -3.16 15.81
N ASP A 123 19.13 -2.80 15.72
CA ASP A 123 18.39 -2.49 16.92
C ASP A 123 16.91 -2.90 16.78
N PRO A 124 16.65 -4.21 16.57
CA PRO A 124 15.29 -4.66 16.30
C PRO A 124 14.26 -4.40 17.42
N ASP A 125 14.68 -4.11 18.65
CA ASP A 125 13.72 -3.79 19.73
C ASP A 125 13.19 -2.37 19.65
N SER A 126 13.80 -1.54 18.81
CA SER A 126 13.38 -0.15 18.67
C SER A 126 11.84 0.05 18.48
N ARG A 127 11.32 1.06 19.17
CA ARG A 127 9.92 1.42 19.06
C ARG A 127 9.73 2.67 18.17
N ARG A 128 10.78 2.99 17.41
CA ARG A 128 10.71 4.10 16.49
C ARG A 128 11.24 3.75 15.10
N ILE A 129 10.99 2.52 14.66
CA ILE A 129 11.36 2.16 13.30
C ILE A 129 10.23 2.62 12.36
N ILE A 130 10.39 3.81 11.80
CA ILE A 130 9.29 4.51 11.14
C ILE A 130 9.71 5.19 9.85
N VAL A 131 8.83 5.08 8.85
CA VAL A 131 8.89 5.87 7.62
C VAL A 131 7.63 6.72 7.50
N SER A 132 7.80 8.02 7.30
CA SER A 132 6.72 8.92 7.07
C SER A 132 6.82 9.55 5.68
N ALA A 133 5.69 9.68 5.02
CA ALA A 133 5.66 10.46 3.79
C ALA A 133 5.00 11.77 4.08
N TRP A 134 4.63 12.01 5.34
CA TRP A 134 3.87 13.22 5.66
C TRP A 134 4.82 14.42 5.96
N ASN A 135 5.44 14.93 4.90
CA ASN A 135 6.36 16.05 5.02
C ASN A 135 5.56 17.32 4.82
N VAL A 136 5.21 17.94 5.95
CA VAL A 136 4.27 19.04 6.04
C VAL A 136 4.68 20.18 5.10
N GLY A 137 5.97 20.47 5.07
CA GLY A 137 6.45 21.60 4.31
C GLY A 137 6.43 21.39 2.81
N GLU A 138 6.18 20.17 2.36
CA GLU A 138 6.25 19.81 0.93
C GLU A 138 4.91 19.40 0.33
N LEU A 139 3.86 19.40 1.16
CA LEU A 139 2.52 18.99 0.78
C LEU A 139 2.01 19.76 -0.42
N ASP A 140 2.15 21.07 -0.34
CA ASP A 140 1.75 21.98 -1.41
C ASP A 140 2.31 21.64 -2.78
N LYS A 141 3.56 21.13 -2.85
CA LYS A 141 4.17 20.76 -4.13
C LYS A 141 3.81 19.37 -4.68
N MET A 142 3.27 18.51 -3.84
CA MET A 142 2.89 17.15 -4.27
C MET A 142 1.67 17.21 -5.16
N ALA A 143 1.63 16.38 -6.19
CA ALA A 143 0.40 16.32 -6.99
C ALA A 143 -0.76 15.86 -6.09
N LEU A 144 -0.42 15.17 -5.00
CA LEU A 144 -1.40 14.52 -4.14
C LEU A 144 -0.85 14.46 -2.74
N ALA A 145 -1.68 14.67 -1.73
CA ALA A 145 -1.25 14.42 -0.36
C ALA A 145 -1.22 12.89 -0.15
N PRO A 146 -0.13 12.37 0.44
CA PRO A 146 0.04 10.93 0.69
C PRO A 146 -1.19 10.32 1.34
N CYS A 147 -1.68 9.20 0.78
CA CYS A 147 -2.82 8.49 1.35
C CYS A 147 -2.29 7.50 2.40
N HIS A 148 -1.32 6.66 2.02
CA HIS A 148 -0.59 5.91 3.01
C HIS A 148 0.53 6.78 3.59
N ALA A 149 0.23 7.43 4.70
CA ALA A 149 0.95 8.59 5.18
C ALA A 149 2.24 8.21 5.94
N PHE A 150 2.25 7.01 6.52
CA PHE A 150 3.09 6.77 7.66
C PHE A 150 3.14 5.27 7.97
N PHE A 151 4.32 4.70 8.17
CA PHE A 151 4.36 3.31 8.64
C PHE A 151 5.48 2.93 9.64
N GLN A 152 5.18 1.96 10.50
CA GLN A 152 6.07 1.54 11.58
C GLN A 152 6.35 0.04 11.45
N PHE A 153 7.58 -0.39 11.70
CA PHE A 153 7.90 -1.83 11.76
C PHE A 153 8.14 -2.25 13.20
N TYR A 154 8.13 -3.56 13.41
CA TYR A 154 8.24 -4.13 14.74
C TYR A 154 8.76 -5.55 14.52
N VAL A 155 9.67 -5.94 15.40
CA VAL A 155 10.24 -7.28 15.39
C VAL A 155 9.99 -7.92 16.74
N ALA A 156 9.38 -9.09 16.76
CA ALA A 156 9.42 -9.95 17.93
C ALA A 156 9.46 -11.40 17.48
N ASP A 157 10.18 -12.25 18.22
CA ASP A 157 10.26 -13.71 17.92
C ASP A 157 10.65 -14.09 16.50
N GLY A 158 11.64 -13.38 15.97
CA GLY A 158 12.12 -13.62 14.60
C GLY A 158 11.20 -13.12 13.49
N LYS A 159 10.12 -12.44 13.85
CA LYS A 159 9.09 -12.04 12.90
C LYS A 159 9.01 -10.52 12.71
N LEU A 160 9.00 -10.11 11.45
CA LEU A 160 8.84 -8.70 11.11
C LEU A 160 7.35 -8.37 10.89
N SER A 161 6.86 -7.39 11.63
CA SER A 161 5.52 -6.84 11.40
C SER A 161 5.63 -5.39 10.92
N CYS A 162 4.54 -4.86 10.37
CA CYS A 162 4.45 -3.50 9.91
C CYS A 162 3.03 -3.01 10.10
N GLN A 163 2.86 -1.77 10.57
CA GLN A 163 1.57 -1.08 10.62
C GLN A 163 1.56 0.13 9.71
N LEU A 164 0.52 0.25 8.87
CA LEU A 164 0.34 1.40 8.02
C LEU A 164 -0.78 2.28 8.58
N TYR A 165 -0.56 3.59 8.62
CA TYR A 165 -1.66 4.52 8.80
C TYR A 165 -2.06 5.10 7.44
N GLN A 166 -3.32 4.90 7.08
CA GLN A 166 -3.86 5.37 5.81
C GLN A 166 -4.95 6.37 6.11
N ARG A 167 -4.69 7.64 5.81
CA ARG A 167 -5.59 8.72 6.15
C ARG A 167 -6.91 8.64 5.44
N SER A 168 -6.89 8.10 4.24
CA SER A 168 -8.06 8.10 3.41
C SER A 168 -8.07 6.84 2.61
N CYS A 169 -9.21 6.14 2.61
CA CYS A 169 -9.28 4.85 1.92
C CYS A 169 -10.56 4.63 1.14
N ASP A 170 -10.40 4.50 -0.16
CA ASP A 170 -11.47 4.02 -1.01
C ASP A 170 -11.38 2.52 -0.82
N VAL A 171 -12.33 1.96 -0.06
CA VAL A 171 -12.31 0.53 0.26
C VAL A 171 -12.45 -0.36 -0.98
N PHE A 172 -13.32 0.02 -1.93
CA PHE A 172 -13.50 -0.79 -3.14
C PHE A 172 -12.29 -0.81 -4.12
N LEU A 173 -11.91 0.36 -4.64
CA LEU A 173 -10.78 0.49 -5.62
C LEU A 173 -9.36 0.46 -5.02
N GLY A 174 -9.12 1.19 -3.93
CA GLY A 174 -7.75 1.38 -3.45
C GLY A 174 -7.25 0.34 -2.47
N LEU A 175 -8.11 -0.06 -1.53
CA LEU A 175 -7.66 -0.88 -0.40
C LEU A 175 -6.96 -2.22 -0.76
N PRO A 176 -7.54 -3.02 -1.68
CA PRO A 176 -6.88 -4.29 -2.09
C PRO A 176 -5.46 -4.05 -2.62
N PHE A 177 -5.30 -2.97 -3.38
CA PHE A 177 -4.04 -2.56 -3.92
C PHE A 177 -3.06 -2.23 -2.79
N ASN A 178 -3.47 -1.34 -1.87
CA ASN A 178 -2.61 -0.87 -0.79
C ASN A 178 -2.18 -2.02 0.11
N ILE A 179 -3.08 -2.94 0.42
CA ILE A 179 -2.76 -4.05 1.29
C ILE A 179 -1.66 -4.90 0.65
N ALA A 180 -1.84 -5.25 -0.62
CA ALA A 180 -0.89 -6.15 -1.27
C ALA A 180 0.44 -5.45 -1.40
N SER A 181 0.39 -4.15 -1.61
CA SER A 181 1.61 -3.35 -1.72
C SER A 181 2.50 -3.39 -0.46
N TYR A 182 1.91 -3.11 0.70
CA TYR A 182 2.68 -3.16 1.93
C TYR A 182 3.05 -4.56 2.31
N ALA A 183 2.17 -5.52 2.06
CA ALA A 183 2.50 -6.92 2.34
C ALA A 183 3.75 -7.35 1.55
N LEU A 184 3.81 -6.98 0.29
CA LEU A 184 4.98 -7.19 -0.50
C LEU A 184 6.23 -6.59 0.15
N LEU A 185 6.13 -5.35 0.62
CA LEU A 185 7.28 -4.65 1.18
C LEU A 185 7.73 -5.34 2.47
N VAL A 186 6.78 -5.83 3.26
CA VAL A 186 7.15 -6.58 4.45
C VAL A 186 7.98 -7.81 4.04
N HIS A 187 7.51 -8.59 3.04
CA HIS A 187 8.29 -9.76 2.54
C HIS A 187 9.68 -9.40 2.03
N MET A 188 9.83 -8.26 1.36
CA MET A 188 11.16 -7.84 0.89
C MET A 188 12.05 -7.39 2.06
N MET A 189 11.46 -6.62 2.99
CA MET A 189 12.17 -6.16 4.18
C MET A 189 12.68 -7.33 5.00
N ALA A 190 11.76 -8.25 5.31
CA ALA A 190 12.05 -9.44 6.10
C ALA A 190 13.19 -10.24 5.44
N GLN A 191 13.04 -10.56 4.16
CA GLN A 191 14.12 -11.23 3.45
C GLN A 191 15.47 -10.51 3.65
N GLN A 192 15.52 -9.19 3.46
CA GLN A 192 16.81 -8.48 3.57
C GLN A 192 17.43 -8.45 4.97
N CYS A 193 16.64 -8.76 5.99
CA CYS A 193 17.09 -8.76 7.38
C CYS A 193 17.14 -10.13 7.98
N ASP A 194 16.81 -11.15 7.20
CA ASP A 194 16.85 -12.54 7.67
C ASP A 194 15.86 -12.76 8.77
N LEU A 195 14.64 -12.25 8.59
CA LEU A 195 13.56 -12.49 9.54
C LEU A 195 12.47 -13.21 8.81
N GLU A 196 11.58 -13.89 9.53
CA GLU A 196 10.38 -14.37 8.89
C GLU A 196 9.33 -13.26 8.90
N VAL A 197 8.20 -13.50 8.27
CA VAL A 197 7.17 -12.48 8.17
C VAL A 197 6.16 -12.61 9.29
N GLY A 198 5.76 -11.48 9.83
CA GLY A 198 4.75 -11.41 10.86
C GLY A 198 3.43 -10.89 10.34
N ASP A 199 2.93 -9.82 10.95
CA ASP A 199 1.62 -9.26 10.60
C ASP A 199 1.78 -7.99 9.82
N PHE A 200 0.89 -7.78 8.86
CA PHE A 200 0.62 -6.46 8.33
C PHE A 200 -0.66 -5.96 9.00
N VAL A 201 -0.56 -4.84 9.70
CA VAL A 201 -1.72 -4.21 10.38
C VAL A 201 -2.10 -2.97 9.59
N TRP A 202 -3.34 -2.93 9.16
CA TRP A 202 -3.82 -1.82 8.36
C TRP A 202 -4.71 -0.96 9.27
N THR A 203 -4.39 0.33 9.37
CA THR A 203 -5.21 1.25 10.11
C THR A 203 -5.71 2.36 9.17
N GLY A 204 -7.01 2.64 9.18
CA GLY A 204 -7.57 3.67 8.34
C GLY A 204 -8.15 4.83 9.10
N GLY A 205 -8.06 6.02 8.50
CA GLY A 205 -8.73 7.21 8.96
C GLY A 205 -10.11 7.19 8.34
N ASP A 206 -10.31 8.06 7.35
CA ASP A 206 -11.57 8.15 6.59
C ASP A 206 -11.68 6.98 5.63
N THR A 207 -12.54 6.05 5.98
CA THR A 207 -12.60 4.75 5.34
C THR A 207 -13.99 4.65 4.74
N HIS A 208 -14.03 4.69 3.42
CA HIS A 208 -15.27 4.98 2.75
C HIS A 208 -15.51 4.10 1.49
N LEU A 209 -16.77 4.10 1.07
CA LEU A 209 -17.23 3.41 -0.15
C LEU A 209 -17.98 4.48 -0.95
N TYR A 210 -17.59 4.69 -2.21
CA TYR A 210 -18.30 5.62 -3.08
C TYR A 210 -19.68 5.13 -3.40
N SER A 211 -20.67 6.03 -3.41
CA SER A 211 -22.05 5.58 -3.68
C SER A 211 -22.20 4.90 -5.03
N ASN A 212 -21.37 5.27 -6.02
CA ASN A 212 -21.39 4.60 -7.33
C ASN A 212 -20.59 3.31 -7.33
N HIS A 213 -20.21 2.84 -6.15
CA HIS A 213 -19.69 1.47 -6.05
C HIS A 213 -20.62 0.47 -5.34
N MET A 214 -21.86 0.87 -5.09
CA MET A 214 -22.78 -0.02 -4.34
C MET A 214 -23.11 -1.36 -5.02
N ASP A 215 -23.35 -1.35 -6.33
CA ASP A 215 -23.61 -2.60 -7.03
C ASP A 215 -22.43 -3.58 -7.00
N GLN A 216 -21.23 -3.04 -7.12
CA GLN A 216 -20.02 -3.85 -7.09
C GLN A 216 -19.82 -4.41 -5.70
N THR A 217 -20.02 -3.55 -4.71
CA THR A 217 -19.91 -3.91 -3.30
C THR A 217 -20.84 -5.09 -2.99
N HIS A 218 -22.15 -4.92 -3.27
CA HIS A 218 -23.14 -6.01 -3.09
C HIS A 218 -22.77 -7.30 -3.80
N LEU A 219 -22.30 -7.19 -5.04
CA LEU A 219 -21.80 -8.34 -5.77
C LEU A 219 -20.66 -9.05 -5.04
N GLN A 220 -19.61 -8.30 -4.65
CA GLN A 220 -18.44 -8.88 -3.98
C GLN A 220 -18.78 -9.51 -2.65
N LEU A 221 -19.66 -8.86 -1.89
CA LEU A 221 -20.18 -9.39 -0.63
C LEU A 221 -20.99 -10.67 -0.82
N SER A 222 -21.41 -10.98 -2.05
CA SER A 222 -22.10 -12.25 -2.28
C SER A 222 -21.13 -13.41 -2.42
N ARG A 223 -19.83 -13.12 -2.55
CA ARG A 223 -18.81 -14.13 -2.86
C ARG A 223 -18.07 -14.67 -1.63
N GLU A 224 -17.51 -15.89 -1.74
CA GLU A 224 -16.78 -16.49 -0.63
C GLU A 224 -15.28 -16.39 -0.87
N PRO A 225 -14.56 -15.88 0.13
CA PRO A 225 -13.10 -15.85 0.06
C PRO A 225 -12.57 -17.23 -0.31
N ARG A 226 -11.58 -17.26 -1.20
CA ARG A 226 -10.89 -18.46 -1.57
C ARG A 226 -9.61 -18.51 -0.74
N PRO A 227 -8.94 -19.67 -0.67
CA PRO A 227 -7.70 -19.67 0.10
C PRO A 227 -6.68 -18.64 -0.39
N LEU A 228 -5.91 -18.07 0.53
CA LEU A 228 -4.92 -17.06 0.22
C LEU A 228 -3.80 -17.61 -0.65
N PRO A 229 -3.30 -16.83 -1.61
CA PRO A 229 -2.13 -17.29 -2.38
C PRO A 229 -0.83 -17.26 -1.57
N LYS A 230 0.25 -17.75 -2.18
CA LYS A 230 1.55 -17.77 -1.57
C LYS A 230 2.44 -16.90 -2.45
N LEU A 231 3.22 -16.01 -1.82
CA LEU A 231 4.20 -15.18 -2.53
C LEU A 231 5.47 -15.99 -2.70
N ILE A 232 6.02 -15.98 -3.90
CA ILE A 232 7.34 -16.54 -4.11
C ILE A 232 8.31 -15.41 -4.49
N ILE A 233 9.43 -15.32 -3.78
CA ILE A 233 10.55 -14.46 -4.17
C ILE A 233 11.59 -15.42 -4.78
N LYS A 234 11.80 -15.32 -6.10
CA LYS A 234 12.60 -16.28 -6.87
C LYS A 234 14.10 -16.18 -6.58
N ARG A 235 14.53 -15.09 -5.96
CA ARG A 235 15.92 -14.73 -5.92
C ARG A 235 16.10 -13.82 -4.70
N LYS A 236 17.28 -13.86 -4.09
CA LYS A 236 17.63 -12.92 -3.03
C LYS A 236 18.63 -11.86 -3.49
N PRO A 237 18.17 -10.61 -3.66
CA PRO A 237 19.06 -9.50 -4.07
C PRO A 237 19.99 -9.04 -2.95
N GLU A 238 21.00 -8.27 -3.34
CA GLU A 238 22.05 -7.82 -2.44
C GLU A 238 21.54 -6.73 -1.52
N SER A 239 20.50 -6.03 -1.95
CA SER A 239 19.88 -5.01 -1.10
C SER A 239 18.41 -4.77 -1.41
N ILE A 240 17.73 -4.08 -0.50
CA ILE A 240 16.32 -3.67 -0.66
C ILE A 240 16.09 -2.87 -1.96
N PHE A 241 17.13 -2.28 -2.51
CA PHE A 241 17.00 -1.48 -3.73
C PHE A 241 17.27 -2.22 -5.07
N ASP A 242 17.55 -3.51 -4.98
CA ASP A 242 17.96 -4.28 -6.18
C ASP A 242 16.96 -5.36 -6.60
N TYR A 243 15.73 -5.28 -6.09
CA TYR A 243 14.69 -6.15 -6.54
C TYR A 243 14.32 -5.80 -7.98
N ARG A 244 14.02 -6.83 -8.77
CA ARG A 244 13.59 -6.62 -10.12
C ARG A 244 12.18 -7.18 -10.22
N PHE A 245 11.44 -6.69 -11.19
CA PHE A 245 10.06 -7.13 -11.36
C PHE A 245 9.94 -8.65 -11.39
N GLU A 246 10.83 -9.32 -12.13
CA GLU A 246 10.71 -10.78 -12.33
C GLU A 246 11.01 -11.60 -11.08
N ASP A 247 11.40 -10.93 -9.98
CA ASP A 247 11.76 -11.64 -8.77
C ASP A 247 10.57 -12.22 -8.05
N PHE A 248 9.36 -11.78 -8.42
CA PHE A 248 8.14 -12.08 -7.67
C PHE A 248 7.17 -12.96 -8.46
N GLU A 249 6.64 -13.99 -7.80
CA GLU A 249 5.55 -14.84 -8.36
C GLU A 249 4.46 -15.06 -7.32
N ILE A 250 3.23 -15.21 -7.77
CA ILE A 250 2.15 -15.61 -6.87
C ILE A 250 1.67 -17.00 -7.26
N GLU A 251 1.61 -17.89 -6.29
CA GLU A 251 1.11 -19.22 -6.55
C GLU A 251 -0.20 -19.42 -5.86
N GLY A 252 -1.07 -20.22 -6.47
CA GLY A 252 -2.31 -20.63 -5.85
C GLY A 252 -3.28 -19.49 -5.78
N TYR A 253 -3.26 -18.62 -6.78
CA TYR A 253 -4.25 -17.55 -6.83
C TYR A 253 -5.48 -17.93 -7.68
N ASP A 254 -6.56 -18.31 -6.99
CA ASP A 254 -7.79 -18.74 -7.65
C ASP A 254 -8.97 -17.78 -7.37
N PRO A 255 -8.91 -16.53 -7.90
CA PRO A 255 -9.91 -15.50 -7.59
C PRO A 255 -11.24 -15.68 -8.30
N HIS A 256 -12.33 -15.19 -7.71
CA HIS A 256 -13.56 -14.96 -8.45
C HIS A 256 -13.25 -13.90 -9.50
N PRO A 257 -14.15 -13.67 -10.45
CA PRO A 257 -13.82 -12.76 -11.56
C PRO A 257 -13.62 -11.27 -11.18
N GLY A 258 -12.79 -10.56 -11.95
CA GLY A 258 -12.57 -9.12 -11.76
C GLY A 258 -13.89 -8.36 -11.79
N ILE A 259 -13.94 -7.21 -11.13
CA ILE A 259 -15.13 -6.35 -11.11
C ILE A 259 -14.65 -4.93 -11.33
N LYS A 260 -15.28 -4.20 -12.25
CA LYS A 260 -14.77 -2.89 -12.59
C LYS A 260 -15.51 -1.84 -11.78
N ALA A 261 -14.79 -0.83 -11.32
CA ALA A 261 -15.49 0.26 -10.67
C ALA A 261 -15.04 1.60 -11.21
N PRO A 262 -16.01 2.47 -11.52
CA PRO A 262 -15.74 3.73 -12.21
C PRO A 262 -15.43 4.84 -11.23
N VAL A 263 -14.81 5.91 -11.71
CA VAL A 263 -14.59 7.11 -10.89
C VAL A 263 -15.37 8.25 -11.53
N ALA A 264 -15.93 9.16 -10.73
CA ALA A 264 -16.40 10.45 -11.25
C ALA A 264 -15.20 11.38 -11.57
N ILE A 265 -15.41 12.39 -12.41
CA ILE A 265 -14.37 13.43 -12.59
C ILE A 265 -14.94 14.80 -12.19
#